data_4TZH
#
_entry.id   4TZH
#
_cell.length_a   59.450
_cell.length_b   65.560
_cell.length_c   59.940
_cell.angle_alpha   90.00
_cell.angle_beta   116.86
_cell.angle_gamma   90.00
#
_symmetry.space_group_name_H-M   'P 1 21 1'
#
loop_
_entity.id
_entity.type
_entity.pdbx_description
1 polymer LIC12234
2 non-polymer 'ZINC ION'
3 non-polymer 'CHLORIDE ION'
4 non-polymer 'ACETATE ION'
5 water water
#
_entity_poly.entity_id   1
_entity_poly.type   'polypeptide(L)'
_entity_poly.pdbx_seq_one_letter_code
;PKEVIIHKNLSDALKTPNEVQILDLSRNQLTILPKEIEQLVNLESLHLRDNELTTLPEEIGILKNLKYLDISRNQISNFP
KEIQKLKNLEVLFLNGNSLSNLPEEIGELEKLGILYLNNNQLTTLPKEIGQLENLVSLSLSSNKLTSIPDELGQLKKLRI
LNLWDNPTLTTPERNIRKLFRNQEITIEIS
;
_entity_poly.pdbx_strand_id   A,B
#
loop_
_chem_comp.id
_chem_comp.type
_chem_comp.name
_chem_comp.formula
ACT non-polymer 'ACETATE ION' 'C2 H3 O2 -1'
CL non-polymer 'CHLORIDE ION' 'Cl -1'
ZN non-polymer 'ZINC ION' 'Zn 2'
#
# COMPACT_ATOMS: atom_id res chain seq x y z
N PRO A 1 19.27 17.28 -5.46
CA PRO A 1 18.56 17.56 -6.71
C PRO A 1 17.81 16.35 -7.26
N LYS A 2 16.48 16.46 -7.33
CA LYS A 2 15.65 15.37 -7.82
C LYS A 2 15.39 15.52 -9.33
N GLU A 3 15.17 14.38 -9.98
CA GLU A 3 14.88 14.32 -11.39
C GLU A 3 13.36 14.38 -11.57
N VAL A 4 12.89 15.37 -12.35
CA VAL A 4 11.47 15.59 -12.64
C VAL A 4 11.10 15.19 -14.07
N ILE A 5 12.06 15.23 -15.02
CA ILE A 5 11.88 14.75 -16.39
C ILE A 5 12.61 13.44 -16.40
N ILE A 6 11.86 12.36 -16.25
CA ILE A 6 12.49 11.06 -16.08
C ILE A 6 12.95 10.45 -17.39
N HIS A 7 13.77 9.44 -17.28
CA HIS A 7 14.32 8.77 -18.47
C HIS A 7 13.41 7.62 -18.84
N LYS A 8 13.04 7.50 -20.12
CA LYS A 8 12.12 6.45 -20.55
C LYS A 8 12.73 5.56 -21.62
N ASN A 9 14.01 5.81 -21.96
CA ASN A 9 14.67 5.04 -23.00
C ASN A 9 16.06 4.64 -22.56
N LEU A 10 16.34 3.32 -22.55
CA LEU A 10 17.63 2.87 -22.06
C LEU A 10 18.77 3.32 -22.96
N SER A 11 18.60 3.23 -24.30
CA SER A 11 19.72 3.64 -25.15
C SER A 11 20.12 5.10 -24.94
N ASP A 12 19.13 6.01 -24.84
CA ASP A 12 19.41 7.42 -24.56
C ASP A 12 20.05 7.55 -23.17
N ALA A 13 19.56 6.80 -22.15
CA ALA A 13 20.15 6.87 -20.79
C ALA A 13 21.60 6.49 -20.81
N LEU A 14 21.98 5.49 -21.63
CA LEU A 14 23.36 5.05 -21.73
C LEU A 14 24.31 6.09 -22.35
N LYS A 15 23.78 7.14 -22.98
CA LYS A 15 24.62 8.19 -23.55
C LYS A 15 25.22 9.07 -22.43
N THR A 16 24.55 9.18 -21.27
CA THR A 16 25.06 9.98 -20.15
C THR A 16 24.70 9.15 -18.92
N PRO A 17 25.42 8.04 -18.71
CA PRO A 17 24.94 7.08 -17.69
C PRO A 17 24.97 7.55 -16.26
N ASN A 18 25.90 8.44 -15.88
CA ASN A 18 25.98 8.90 -14.50
C ASN A 18 24.91 9.90 -14.09
N GLU A 19 24.22 10.46 -15.07
CA GLU A 19 23.19 11.48 -14.96
CA GLU A 19 23.25 11.49 -14.75
C GLU A 19 21.82 10.93 -14.57
N VAL A 20 21.56 9.67 -14.95
CA VAL A 20 20.23 9.09 -14.83
C VAL A 20 19.84 8.67 -13.42
N GLN A 21 18.78 9.29 -12.89
CA GLN A 21 18.27 8.97 -11.55
C GLN A 21 17.05 8.10 -11.58
N ILE A 22 16.16 8.28 -12.59
CA ILE A 22 14.92 7.53 -12.67
C ILE A 22 14.79 6.99 -14.07
N LEU A 23 14.64 5.67 -14.19
CA LEU A 23 14.46 5.03 -15.50
C LEU A 23 13.14 4.28 -15.47
N ASP A 24 12.29 4.56 -16.46
CA ASP A 24 10.98 3.94 -16.55
C ASP A 24 10.87 3.22 -17.88
N LEU A 25 10.98 1.89 -17.81
CA LEU A 25 10.84 1.00 -18.96
C LEU A 25 9.55 0.21 -18.83
N SER A 26 8.56 0.76 -18.13
CA SER A 26 7.31 0.04 -18.03
C SER A 26 6.65 -0.11 -19.42
N ARG A 27 5.93 -1.22 -19.63
CA ARG A 27 5.20 -1.45 -20.88
CA ARG A 27 5.20 -1.44 -20.88
C ARG A 27 6.11 -1.35 -22.10
N ASN A 28 7.30 -1.92 -21.99
CA ASN A 28 8.24 -1.94 -23.12
C ASN A 28 8.36 -3.33 -23.75
N GLN A 29 7.45 -4.26 -23.38
CA GLN A 29 7.48 -5.65 -23.85
C GLN A 29 8.85 -6.32 -23.70
N LEU A 30 9.47 -6.07 -22.53
CA LEU A 30 10.78 -6.63 -22.27
C LEU A 30 10.65 -8.08 -21.80
N THR A 31 11.44 -8.99 -22.38
CA THR A 31 11.48 -10.36 -21.90
C THR A 31 12.68 -10.51 -20.99
N ILE A 32 13.65 -9.61 -21.12
CA ILE A 32 14.85 -9.59 -20.29
C ILE A 32 15.26 -8.13 -20.09
N LEU A 33 15.83 -7.82 -18.94
CA LEU A 33 16.36 -6.49 -18.71
C LEU A 33 17.81 -6.54 -19.17
N PRO A 34 18.24 -5.69 -20.13
CA PRO A 34 19.62 -5.75 -20.62
C PRO A 34 20.66 -5.57 -19.54
N LYS A 35 21.80 -6.27 -19.66
CA LYS A 35 22.91 -6.20 -18.70
C LYS A 35 23.49 -4.81 -18.58
N GLU A 36 23.33 -3.99 -19.63
CA GLU A 36 23.89 -2.64 -19.70
C GLU A 36 23.26 -1.73 -18.64
N ILE A 37 22.16 -2.18 -17.97
CA ILE A 37 21.59 -1.42 -16.86
C ILE A 37 22.68 -1.14 -15.81
N GLU A 38 23.70 -2.03 -15.67
CA GLU A 38 24.74 -1.78 -14.66
C GLU A 38 25.50 -0.46 -14.88
N GLN A 39 25.42 0.11 -16.08
CA GLN A 39 26.13 1.39 -16.32
C GLN A 39 25.48 2.58 -15.59
N LEU A 40 24.21 2.44 -15.18
CA LEU A 40 23.46 3.54 -14.56
C LEU A 40 23.72 3.56 -13.08
N VAL A 41 24.99 3.82 -12.74
CA VAL A 41 25.46 3.65 -11.35
C VAL A 41 24.74 4.51 -10.33
N ASN A 42 24.16 5.66 -10.74
CA ASN A 42 23.47 6.57 -9.83
C ASN A 42 21.98 6.39 -9.81
N LEU A 43 21.49 5.34 -10.47
CA LEU A 43 20.05 5.11 -10.54
C LEU A 43 19.44 4.99 -9.14
N GLU A 44 18.33 5.71 -8.91
CA GLU A 44 17.57 5.67 -7.67
C GLU A 44 16.23 5.02 -7.80
N SER A 45 15.66 5.02 -9.01
CA SER A 45 14.34 4.43 -9.19
C SER A 45 14.30 3.72 -10.52
N LEU A 46 13.81 2.49 -10.54
CA LEU A 46 13.70 1.71 -11.76
C LEU A 46 12.28 1.18 -11.84
N HIS A 47 11.58 1.50 -12.91
CA HIS A 47 10.21 1.02 -13.12
C HIS A 47 10.22 0.07 -14.31
N LEU A 48 9.71 -1.12 -14.10
CA LEU A 48 9.65 -2.19 -15.11
C LEU A 48 8.30 -2.84 -15.13
N ARG A 49 7.27 -2.07 -14.76
CA ARG A 49 5.91 -2.57 -14.63
C ARG A 49 5.37 -3.07 -15.97
N ASP A 50 4.62 -4.17 -15.99
CA ASP A 50 3.89 -4.60 -17.18
C ASP A 50 4.80 -4.91 -18.34
N ASN A 51 5.79 -5.75 -18.08
CA ASN A 51 6.67 -6.32 -19.07
C ASN A 51 6.47 -7.85 -19.04
N GLU A 52 7.39 -8.59 -19.65
CA GLU A 52 7.32 -10.05 -19.68
C GLU A 52 8.55 -10.65 -18.96
N LEU A 53 9.04 -9.98 -17.90
CA LEU A 53 10.26 -10.45 -17.25
C LEU A 53 10.01 -11.70 -16.42
N THR A 54 10.98 -12.61 -16.37
CA THR A 54 10.88 -13.78 -15.50
C THR A 54 11.88 -13.71 -14.33
N THR A 55 12.87 -12.84 -14.45
CA THR A 55 13.90 -12.62 -13.43
C THR A 55 14.58 -11.32 -13.71
N LEU A 56 15.63 -11.03 -12.93
CA LEU A 56 16.46 -9.86 -13.14
C LEU A 56 17.88 -10.32 -13.41
N PRO A 57 18.66 -9.55 -14.17
CA PRO A 57 20.05 -9.96 -14.40
C PRO A 57 20.87 -9.82 -13.12
N GLU A 58 21.95 -10.57 -13.01
CA GLU A 58 22.84 -10.46 -11.86
C GLU A 58 23.42 -9.04 -11.75
N GLU A 59 23.48 -8.32 -12.88
CA GLU A 59 23.96 -6.93 -12.94
C GLU A 59 23.13 -5.98 -12.10
N ILE A 60 21.93 -6.38 -11.67
CA ILE A 60 21.10 -5.51 -10.84
C ILE A 60 21.83 -5.11 -9.56
N GLY A 61 22.68 -5.99 -9.04
CA GLY A 61 23.35 -5.71 -7.78
C GLY A 61 24.34 -4.56 -7.84
N ILE A 62 24.69 -4.06 -9.05
CA ILE A 62 25.59 -2.91 -9.18
C ILE A 62 24.85 -1.61 -8.83
N LEU A 63 23.51 -1.67 -8.88
CA LEU A 63 22.68 -0.49 -8.66
C LEU A 63 22.53 -0.22 -7.15
N LYS A 64 23.65 -0.02 -6.47
CA LYS A 64 23.63 0.10 -5.01
C LYS A 64 22.92 1.34 -4.47
N ASN A 65 22.63 2.35 -5.32
CA ASN A 65 21.93 3.56 -4.86
C ASN A 65 20.41 3.45 -5.09
N LEU A 66 19.96 2.29 -5.61
CA LEU A 66 18.55 2.17 -5.90
C LEU A 66 17.69 2.24 -4.64
N LYS A 67 16.66 3.09 -4.67
CA LYS A 67 15.73 3.26 -3.55
C LYS A 67 14.38 2.64 -3.86
N TYR A 68 14.00 2.63 -5.14
CA TYR A 68 12.65 2.16 -5.49
C TYR A 68 12.75 1.21 -6.67
N LEU A 69 12.07 0.07 -6.58
CA LEU A 69 12.10 -0.89 -7.67
C LEU A 69 10.69 -1.38 -7.87
N ASP A 70 10.16 -1.13 -9.06
CA ASP A 70 8.80 -1.53 -9.43
C ASP A 70 8.90 -2.60 -10.51
N ILE A 71 8.63 -3.84 -10.14
CA ILE A 71 8.63 -4.96 -11.10
CA ILE A 71 8.67 -4.94 -11.09
C ILE A 71 7.27 -5.60 -11.13
N SER A 72 6.25 -4.80 -10.84
CA SER A 72 4.89 -5.31 -10.84
C SER A 72 4.43 -5.76 -12.20
N ARG A 73 3.47 -6.68 -12.23
CA ARG A 73 2.85 -7.11 -13.50
C ARG A 73 3.86 -7.67 -14.48
N ASN A 74 4.65 -8.65 -14.02
CA ASN A 74 5.58 -9.36 -14.90
C ASN A 74 5.29 -10.83 -14.66
N GLN A 75 6.24 -11.72 -14.99
CA GLN A 75 6.07 -13.15 -14.72
C GLN A 75 7.29 -13.57 -13.89
N ILE A 76 7.70 -12.72 -12.92
CA ILE A 76 8.88 -12.98 -12.10
CA ILE A 76 8.90 -13.07 -12.19
C ILE A 76 8.69 -14.23 -11.26
N SER A 77 9.61 -15.19 -11.34
CA SER A 77 9.52 -16.39 -10.51
C SER A 77 10.78 -16.56 -9.64
N ASN A 78 11.85 -15.82 -9.92
CA ASN A 78 13.09 -15.98 -9.17
C ASN A 78 13.95 -14.77 -9.30
N PHE A 79 14.96 -14.67 -8.41
CA PHE A 79 15.90 -13.56 -8.39
C PHE A 79 17.31 -14.04 -8.30
N PRO A 80 18.26 -13.24 -8.81
CA PRO A 80 19.67 -13.59 -8.60
C PRO A 80 20.04 -13.26 -7.15
N LYS A 81 21.08 -13.90 -6.62
CA LYS A 81 21.50 -13.58 -5.26
C LYS A 81 21.94 -12.11 -5.12
N GLU A 82 22.39 -11.49 -6.24
CA GLU A 82 22.88 -10.11 -6.23
C GLU A 82 21.83 -9.10 -5.77
N ILE A 83 20.54 -9.49 -5.67
CA ILE A 83 19.55 -8.57 -5.12
C ILE A 83 19.94 -8.16 -3.69
N GLN A 84 20.72 -8.98 -2.99
CA GLN A 84 21.11 -8.65 -1.63
C GLN A 84 21.94 -7.39 -1.54
N LYS A 85 22.55 -6.92 -2.66
CA LYS A 85 23.37 -5.73 -2.66
C LYS A 85 22.54 -4.45 -2.69
N LEU A 86 21.20 -4.56 -2.84
CA LEU A 86 20.33 -3.38 -2.89
C LEU A 86 20.01 -2.88 -1.49
N LYS A 87 21.10 -2.47 -0.79
CA LYS A 87 21.00 -2.06 0.61
C LYS A 87 20.34 -0.74 0.85
N ASN A 88 20.07 0.03 -0.23
CA ASN A 88 19.41 1.31 -0.07
C ASN A 88 17.94 1.21 -0.54
N LEU A 89 17.49 0.02 -0.91
CA LEU A 89 16.12 -0.12 -1.41
C LEU A 89 15.12 0.10 -0.30
N GLU A 90 14.11 0.97 -0.55
CA GLU A 90 13.10 1.35 0.43
C GLU A 90 11.71 0.82 0.06
N VAL A 91 11.43 0.71 -1.25
CA VAL A 91 10.11 0.27 -1.70
C VAL A 91 10.30 -0.75 -2.81
N LEU A 92 9.60 -1.87 -2.69
CA LEU A 92 9.69 -2.93 -3.69
C LEU A 92 8.27 -3.38 -4.07
N PHE A 93 7.90 -3.14 -5.33
CA PHE A 93 6.62 -3.59 -5.84
C PHE A 93 6.81 -4.87 -6.63
N LEU A 94 6.29 -5.99 -6.11
CA LEU A 94 6.39 -7.27 -6.77
C LEU A 94 5.01 -7.83 -7.03
N ASN A 95 3.99 -6.99 -6.93
CA ASN A 95 2.63 -7.50 -7.11
C ASN A 95 2.39 -7.97 -8.54
N GLY A 96 1.57 -8.99 -8.71
CA GLY A 96 1.23 -9.45 -10.04
C GLY A 96 2.40 -10.14 -10.71
N ASN A 97 2.91 -11.20 -10.09
CA ASN A 97 4.03 -11.95 -10.68
C ASN A 97 3.80 -13.45 -10.52
N SER A 98 4.84 -14.26 -10.75
CA SER A 98 4.76 -15.70 -10.69
C SER A 98 5.57 -16.27 -9.55
N LEU A 99 5.59 -15.59 -8.40
CA LEU A 99 6.37 -16.07 -7.27
C LEU A 99 5.67 -17.13 -6.46
N SER A 100 6.29 -18.32 -6.35
CA SER A 100 5.74 -19.36 -5.49
CA SER A 100 5.80 -19.43 -5.52
C SER A 100 6.57 -19.44 -4.21
N ASN A 101 7.79 -18.86 -4.25
CA ASN A 101 8.71 -18.79 -3.10
CA ASN A 101 8.62 -18.73 -3.06
C ASN A 101 9.51 -17.49 -3.15
N LEU A 102 9.93 -16.98 -2.01
CA LEU A 102 10.81 -15.81 -1.95
C LEU A 102 12.16 -16.34 -1.51
N PRO A 103 13.27 -15.87 -2.12
CA PRO A 103 14.59 -16.36 -1.68
C PRO A 103 15.02 -15.73 -0.37
N GLU A 104 15.97 -16.38 0.33
CA GLU A 104 16.52 -15.90 1.60
C GLU A 104 17.05 -14.46 1.47
N GLU A 105 17.55 -14.08 0.26
CA GLU A 105 18.14 -12.77 0.00
C GLU A 105 17.18 -11.62 0.15
N ILE A 106 15.87 -11.91 0.11
CA ILE A 106 14.89 -10.85 0.34
C ILE A 106 15.15 -10.22 1.71
N GLY A 107 15.56 -11.02 2.68
CA GLY A 107 15.82 -10.56 4.03
C GLY A 107 17.04 -9.68 4.17
N GLU A 108 17.83 -9.49 3.08
CA GLU A 108 19.04 -8.68 3.13
C GLU A 108 18.80 -7.24 2.73
N LEU A 109 17.55 -6.89 2.44
CA LEU A 109 17.20 -5.52 1.98
C LEU A 109 17.01 -4.68 3.25
N GLU A 110 18.12 -4.29 3.84
CA GLU A 110 18.15 -3.65 5.13
C GLU A 110 17.26 -2.44 5.32
N LYS A 111 17.08 -1.60 4.29
CA LYS A 111 16.30 -0.38 4.48
C LYS A 111 14.87 -0.55 3.95
N LEU A 112 14.49 -1.78 3.56
CA LEU A 112 13.16 -1.93 2.93
C LEU A 112 12.05 -1.59 3.90
N GLY A 113 11.17 -0.71 3.45
CA GLY A 113 10.06 -0.27 4.28
C GLY A 113 8.72 -0.74 3.79
N ILE A 114 8.57 -0.88 2.46
CA ILE A 114 7.26 -1.26 1.91
C ILE A 114 7.48 -2.35 0.90
N LEU A 115 6.79 -3.50 1.11
CA LEU A 115 6.96 -4.66 0.25
C LEU A 115 5.57 -5.11 -0.21
N TYR A 116 5.30 -5.03 -1.50
CA TYR A 116 4.02 -5.45 -2.05
C TYR A 116 4.19 -6.74 -2.80
N LEU A 117 3.52 -7.78 -2.33
CA LEU A 117 3.63 -9.12 -2.92
C LEU A 117 2.24 -9.60 -3.32
N ASN A 118 1.27 -8.70 -3.45
CA ASN A 118 -0.11 -9.09 -3.80
CA ASN A 118 -0.10 -9.05 -3.84
C ASN A 118 -0.12 -9.86 -5.12
N ASN A 119 -1.09 -10.76 -5.28
CA ASN A 119 -1.27 -11.47 -6.54
C ASN A 119 -0.04 -12.20 -7.03
N ASN A 120 0.46 -13.09 -6.19
CA ASN A 120 1.52 -14.04 -6.49
C ASN A 120 0.99 -15.40 -6.05
N GLN A 121 1.83 -16.44 -6.03
CA GLN A 121 1.34 -17.74 -5.64
C GLN A 121 2.12 -18.27 -4.43
N LEU A 122 2.48 -17.36 -3.51
CA LEU A 122 3.30 -17.74 -2.36
C LEU A 122 2.56 -18.67 -1.44
N THR A 123 3.26 -19.66 -0.93
CA THR A 123 2.69 -20.60 0.02
C THR A 123 3.13 -20.29 1.42
N THR A 124 4.26 -19.59 1.56
CA THR A 124 4.81 -19.14 2.83
C THR A 124 5.84 -18.05 2.58
N LEU A 125 6.51 -17.63 3.65
CA LEU A 125 7.59 -16.67 3.58
C LEU A 125 8.79 -17.34 4.18
N PRO A 126 10.00 -17.01 3.69
CA PRO A 126 11.20 -17.63 4.29
C PRO A 126 11.44 -17.07 5.68
N LYS A 127 12.13 -17.82 6.53
CA LYS A 127 12.41 -17.35 7.90
C LYS A 127 13.18 -16.02 7.89
N GLU A 128 13.98 -15.79 6.85
CA GLU A 128 14.80 -14.59 6.69
C GLU A 128 13.97 -13.32 6.51
N ILE A 129 12.64 -13.46 6.30
CA ILE A 129 11.76 -12.29 6.23
C ILE A 129 11.84 -11.46 7.52
N GLY A 130 12.10 -12.13 8.66
CA GLY A 130 12.20 -11.47 9.96
C GLY A 130 13.41 -10.58 10.10
N GLN A 131 14.31 -10.57 9.09
CA GLN A 131 15.48 -9.72 9.11
C GLN A 131 15.18 -8.31 8.60
N LEU A 132 13.98 -8.08 8.05
CA LEU A 132 13.61 -6.77 7.48
C LEU A 132 13.19 -5.81 8.56
N GLU A 133 14.18 -5.34 9.33
CA GLU A 133 13.91 -4.52 10.52
C GLU A 133 13.17 -3.22 10.27
N ASN A 134 13.30 -2.65 9.04
CA ASN A 134 12.67 -1.38 8.76
C ASN A 134 11.31 -1.54 8.05
N LEU A 135 10.82 -2.78 7.91
CA LEU A 135 9.58 -2.99 7.20
C LEU A 135 8.40 -2.42 7.95
N VAL A 136 7.58 -1.59 7.29
CA VAL A 136 6.41 -0.93 7.86
CA VAL A 136 6.40 -1.00 7.93
C VAL A 136 5.13 -1.51 7.28
N SER A 137 5.19 -1.93 6.01
CA SER A 137 3.98 -2.43 5.38
C SER A 137 4.32 -3.67 4.55
N LEU A 138 3.58 -4.76 4.78
CA LEU A 138 3.79 -6.00 4.06
C LEU A 138 2.45 -6.45 3.51
N SER A 139 2.31 -6.50 2.18
CA SER A 139 1.06 -6.87 1.56
C SER A 139 1.19 -8.19 0.86
N LEU A 140 0.39 -9.16 1.29
CA LEU A 140 0.42 -10.54 0.77
C LEU A 140 -0.97 -10.93 0.30
N SER A 141 -1.80 -9.97 -0.08
CA SER A 141 -3.14 -10.36 -0.46
CA SER A 141 -3.16 -10.27 -0.50
C SER A 141 -3.15 -11.17 -1.73
N SER A 142 -4.16 -12.05 -1.86
CA SER A 142 -4.27 -12.88 -3.05
C SER A 142 -3.02 -13.68 -3.36
N ASN A 143 -2.63 -14.51 -2.42
CA ASN A 143 -1.53 -15.47 -2.58
C ASN A 143 -2.10 -16.86 -2.30
N LYS A 144 -1.25 -17.84 -2.01
CA LYS A 144 -1.72 -19.20 -1.76
C LYS A 144 -1.16 -19.66 -0.42
N LEU A 145 -1.12 -18.73 0.55
CA LEU A 145 -0.49 -18.95 1.84
C LEU A 145 -1.06 -20.08 2.61
N THR A 146 -0.18 -20.92 3.15
CA THR A 146 -0.62 -22.03 4.00
C THR A 146 -0.05 -21.90 5.40
N SER A 147 1.03 -21.12 5.54
CA SER A 147 1.65 -20.86 6.82
C SER A 147 2.36 -19.51 6.81
N ILE A 148 2.53 -18.94 8.00
CA ILE A 148 3.25 -17.71 8.24
C ILE A 148 4.40 -18.07 9.21
N PRO A 149 5.68 -17.73 8.93
CA PRO A 149 6.74 -18.12 9.89
C PRO A 149 6.70 -17.28 11.15
N ASP A 150 7.07 -17.88 12.31
CA ASP A 150 7.11 -17.16 13.59
C ASP A 150 8.04 -15.95 13.53
N GLU A 151 9.08 -16.01 12.66
CA GLU A 151 10.04 -14.92 12.49
C GLU A 151 9.38 -13.63 12.01
N LEU A 152 8.15 -13.69 11.48
CA LEU A 152 7.46 -12.47 11.09
C LEU A 152 7.25 -11.56 12.31
N GLY A 153 7.15 -12.17 13.49
CA GLY A 153 7.01 -11.45 14.73
C GLY A 153 8.21 -10.60 15.11
N GLN A 154 9.36 -10.80 14.41
CA GLN A 154 10.56 -10.01 14.64
C GLN A 154 10.46 -8.64 13.99
N LEU A 155 9.46 -8.42 13.12
CA LEU A 155 9.32 -7.15 12.39
C LEU A 155 8.62 -6.12 13.29
N LYS A 156 9.40 -5.51 14.17
CA LYS A 156 8.86 -4.60 15.19
C LYS A 156 8.32 -3.27 14.68
N LYS A 157 8.69 -2.86 13.45
CA LYS A 157 8.20 -1.61 12.90
C LYS A 157 7.00 -1.87 11.96
N LEU A 158 6.61 -3.14 11.83
CA LEU A 158 5.49 -3.47 10.93
C LEU A 158 4.19 -2.86 11.47
N ARG A 159 3.51 -2.07 10.62
CA ARG A 159 2.28 -1.39 11.01
C ARG A 159 1.07 -1.95 10.30
N ILE A 160 1.27 -2.55 9.11
CA ILE A 160 0.19 -3.17 8.34
C ILE A 160 0.67 -4.50 7.82
N LEU A 161 -0.11 -5.55 8.13
CA LEU A 161 0.13 -6.87 7.56
C LEU A 161 -1.14 -7.24 6.79
N ASN A 162 -1.11 -7.30 5.45
CA ASN A 162 -2.34 -7.57 4.69
C ASN A 162 -2.32 -8.98 4.15
N LEU A 163 -3.23 -9.80 4.65
CA LEU A 163 -3.35 -11.21 4.27
C LEU A 163 -4.68 -11.48 3.58
N TRP A 164 -5.37 -10.42 3.08
CA TRP A 164 -6.66 -10.66 2.44
C TRP A 164 -6.58 -11.69 1.33
N ASP A 165 -7.69 -12.41 1.12
CA ASP A 165 -7.79 -13.38 0.02
C ASP A 165 -6.69 -14.44 0.03
N ASN A 166 -6.51 -15.08 1.18
CA ASN A 166 -5.64 -16.26 1.31
C ASN A 166 -6.49 -17.32 2.01
N PRO A 167 -7.53 -17.83 1.30
CA PRO A 167 -8.42 -18.83 1.93
C PRO A 167 -7.76 -20.15 2.27
N THR A 168 -6.56 -20.40 1.71
CA THR A 168 -5.71 -21.57 1.94
C THR A 168 -5.02 -21.51 3.32
N LEU A 169 -4.99 -20.34 3.96
CA LEU A 169 -4.31 -20.16 5.24
C LEU A 169 -5.25 -20.63 6.34
N THR A 170 -4.93 -21.81 6.91
CA THR A 170 -5.73 -22.43 7.97
C THR A 170 -5.28 -21.97 9.35
N THR A 171 -4.12 -21.27 9.42
CA THR A 171 -3.55 -20.73 10.65
C THR A 171 -4.58 -19.84 11.37
N PRO A 172 -4.97 -20.18 12.63
CA PRO A 172 -5.96 -19.35 13.33
C PRO A 172 -5.51 -17.91 13.46
N GLU A 173 -6.47 -16.99 13.35
CA GLU A 173 -6.25 -15.55 13.46
C GLU A 173 -5.51 -15.17 14.77
N ARG A 174 -5.93 -15.79 15.90
CA ARG A 174 -5.33 -15.54 17.21
C ARG A 174 -3.82 -15.84 17.20
N ASN A 175 -3.40 -16.90 16.50
CA ASN A 175 -1.99 -17.27 16.44
C ASN A 175 -1.14 -16.21 15.73
N ILE A 176 -1.69 -15.65 14.64
CA ILE A 176 -1.05 -14.60 13.85
CA ILE A 176 -0.98 -14.62 13.88
C ILE A 176 -0.90 -13.35 14.73
N ARG A 177 -2.00 -12.96 15.37
CA ARG A 177 -2.02 -11.77 16.21
C ARG A 177 -1.09 -11.93 17.40
N LYS A 178 -0.98 -13.17 17.95
CA LYS A 178 -0.06 -13.44 19.06
C LYS A 178 1.39 -13.14 18.71
N LEU A 179 1.79 -13.29 17.41
CA LEU A 179 3.17 -13.00 17.01
C LEU A 179 3.54 -11.54 17.27
N PHE A 180 2.54 -10.64 17.24
CA PHE A 180 2.71 -9.19 17.40
C PHE A 180 1.95 -8.67 18.64
N ARG A 181 1.83 -9.51 19.66
CA ARG A 181 1.07 -9.27 20.89
C ARG A 181 1.02 -7.80 21.35
N ASN A 182 2.16 -7.21 21.72
CA ASN A 182 2.17 -5.84 22.26
C ASN A 182 2.14 -4.73 21.21
N GLN A 183 2.84 -4.96 20.09
CA GLN A 183 3.07 -4.07 18.96
C GLN A 183 1.85 -3.37 18.35
N GLU A 184 2.06 -2.10 17.92
CA GLU A 184 1.09 -1.28 17.21
C GLU A 184 1.07 -1.83 15.76
N ILE A 185 -0.04 -2.44 15.36
CA ILE A 185 -0.18 -3.03 14.03
C ILE A 185 -1.65 -3.25 13.74
N THR A 186 -2.02 -3.17 12.47
CA THR A 186 -3.33 -3.63 12.04
C THR A 186 -3.07 -4.84 11.12
N ILE A 187 -3.80 -5.91 11.37
CA ILE A 187 -3.68 -7.15 10.62
C ILE A 187 -4.98 -7.34 9.87
N GLU A 188 -4.86 -7.54 8.55
CA GLU A 188 -6.01 -7.76 7.71
C GLU A 188 -6.07 -9.20 7.27
N ILE A 189 -7.06 -9.93 7.80
CA ILE A 189 -7.27 -11.36 7.45
CA ILE A 189 -7.26 -11.33 7.41
C ILE A 189 -8.73 -11.49 7.00
N SER A 190 -8.97 -12.07 5.80
CA SER A 190 -10.33 -12.31 5.24
C SER A 190 -11.01 -13.44 6.02
N ILE B 5 -8.15 -9.42 22.10
CA ILE B 5 -9.53 -9.89 21.99
C ILE B 5 -10.21 -9.23 20.77
N ILE B 6 -10.79 -10.05 19.88
CA ILE B 6 -11.50 -9.60 18.68
C ILE B 6 -12.98 -9.86 18.84
N HIS B 7 -13.76 -8.80 19.02
CA HIS B 7 -15.21 -8.95 19.06
C HIS B 7 -15.69 -9.03 17.64
N LYS B 8 -16.62 -9.90 17.38
CA LYS B 8 -17.14 -10.14 16.04
C LYS B 8 -18.61 -9.91 15.96
N ASN B 9 -19.22 -9.36 17.02
CA ASN B 9 -20.64 -9.12 17.06
C ASN B 9 -20.87 -7.90 17.94
N LEU B 10 -21.67 -6.98 17.45
CA LEU B 10 -21.93 -5.76 18.19
C LEU B 10 -22.68 -6.00 19.51
N SER B 11 -23.72 -6.88 19.50
CA SER B 11 -24.41 -7.15 20.77
C SER B 11 -23.45 -7.72 21.84
N ASP B 12 -22.51 -8.57 21.45
CA ASP B 12 -21.52 -9.09 22.39
C ASP B 12 -20.61 -7.97 22.86
N ALA B 13 -20.21 -7.09 21.96
CA ALA B 13 -19.37 -5.98 22.38
C ALA B 13 -20.09 -5.06 23.39
N LEU B 14 -21.40 -4.91 23.22
CA LEU B 14 -22.20 -4.06 24.12
C LEU B 14 -22.33 -4.61 25.54
N LYS B 15 -21.92 -5.87 25.77
CA LYS B 15 -21.94 -6.43 27.13
C LYS B 15 -20.92 -5.72 28.05
N THR B 16 -19.72 -5.33 27.54
CA THR B 16 -18.69 -4.63 28.32
C THR B 16 -18.19 -3.52 27.36
N PRO B 17 -19.00 -2.46 27.09
CA PRO B 17 -18.62 -1.52 26.00
C PRO B 17 -17.31 -0.77 26.17
N ASN B 18 -16.89 -0.45 27.40
CA ASN B 18 -15.63 0.29 27.59
C ASN B 18 -14.38 -0.55 27.42
N GLU B 19 -14.51 -1.86 27.39
CA GLU B 19 -13.36 -2.75 27.27
C GLU B 19 -13.04 -3.16 25.85
N VAL B 20 -13.93 -2.87 24.89
CA VAL B 20 -13.77 -3.30 23.51
C VAL B 20 -12.77 -2.44 22.73
N GLN B 21 -11.69 -3.08 22.25
CA GLN B 21 -10.66 -2.39 21.48
C GLN B 21 -10.77 -2.66 20.00
N ILE B 22 -11.18 -3.87 19.59
CA ILE B 22 -11.26 -4.27 18.18
C ILE B 22 -12.61 -4.87 17.92
N LEU B 23 -13.30 -4.36 16.90
CA LEU B 23 -14.59 -4.90 16.47
C LEU B 23 -14.48 -5.24 14.99
N ASP B 24 -14.80 -6.49 14.64
CA ASP B 24 -14.73 -6.94 13.25
C ASP B 24 -16.09 -7.43 12.82
N LEU B 25 -16.79 -6.61 12.04
CA LEU B 25 -18.10 -6.93 11.47
C LEU B 25 -17.96 -7.21 9.99
N SER B 26 -16.77 -7.64 9.52
CA SER B 26 -16.63 -7.90 8.09
CA SER B 26 -16.63 -7.91 8.09
C SER B 26 -17.57 -9.05 7.69
N ARG B 27 -18.10 -9.00 6.45
CA ARG B 27 -18.93 -10.09 5.93
C ARG B 27 -20.17 -10.37 6.78
N ASN B 28 -20.81 -9.30 7.29
CA ASN B 28 -22.02 -9.45 8.11
C ASN B 28 -23.30 -9.05 7.36
N GLN B 29 -23.21 -8.87 6.02
CA GLN B 29 -24.33 -8.47 5.16
CA GLN B 29 -24.32 -8.46 5.14
C GLN B 29 -24.98 -7.17 5.66
N LEU B 30 -24.16 -6.25 6.24
CA LEU B 30 -24.69 -5.01 6.77
C LEU B 30 -25.09 -4.00 5.72
N THR B 31 -26.26 -3.38 5.87
CA THR B 31 -26.64 -2.29 4.97
C THR B 31 -26.45 -0.95 5.69
N ILE B 32 -26.34 -0.99 7.03
CA ILE B 32 -26.14 0.19 7.89
C ILE B 32 -25.37 -0.25 9.12
N LEU B 33 -24.50 0.61 9.63
CA LEU B 33 -23.79 0.31 10.86
C LEU B 33 -24.69 0.88 11.99
N PRO B 34 -25.13 0.06 12.96
CA PRO B 34 -26.03 0.57 14.00
C PRO B 34 -25.44 1.70 14.84
N LYS B 35 -26.31 2.61 15.29
CA LYS B 35 -25.93 3.77 16.07
C LYS B 35 -25.29 3.41 17.40
N GLU B 36 -25.55 2.17 17.91
CA GLU B 36 -25.04 1.72 19.20
C GLU B 36 -23.52 1.55 19.19
N ILE B 37 -22.89 1.68 17.98
CA ILE B 37 -21.42 1.74 17.88
C ILE B 37 -20.90 2.87 18.80
N GLU B 38 -21.70 3.94 19.00
CA GLU B 38 -21.34 5.07 19.86
C GLU B 38 -20.94 4.66 21.28
N GLN B 39 -21.41 3.50 21.74
CA GLN B 39 -21.07 3.08 23.09
C GLN B 39 -19.64 2.55 23.25
N LEU B 40 -18.97 2.19 22.15
CA LEU B 40 -17.63 1.58 22.22
C LEU B 40 -16.59 2.69 22.21
N VAL B 41 -16.62 3.49 23.26
CA VAL B 41 -15.81 4.71 23.33
C VAL B 41 -14.30 4.49 23.23
N ASN B 42 -13.80 3.30 23.62
CA ASN B 42 -12.37 3.02 23.59
C ASN B 42 -11.95 2.23 22.37
N LEU B 43 -12.86 2.10 21.39
CA LEU B 43 -12.54 1.33 20.19
C LEU B 43 -11.32 1.87 19.47
N GLU B 44 -10.39 0.97 19.08
CA GLU B 44 -9.18 1.35 18.36
C GLU B 44 -9.18 0.85 16.94
N SER B 45 -9.90 -0.23 16.67
CA SER B 45 -9.91 -0.79 15.31
C SER B 45 -11.30 -1.26 14.95
N LEU B 46 -11.80 -0.87 13.77
CA LEU B 46 -13.10 -1.24 13.31
C LEU B 46 -12.98 -1.80 11.91
N HIS B 47 -13.41 -3.05 11.71
CA HIS B 47 -13.37 -3.70 10.39
C HIS B 47 -14.78 -3.91 9.91
N LEU B 48 -15.08 -3.43 8.72
CA LEU B 48 -16.40 -3.50 8.10
C LEU B 48 -16.30 -3.96 6.67
N ARG B 49 -15.24 -4.67 6.34
CA ARG B 49 -14.97 -5.12 4.98
C ARG B 49 -16.10 -6.00 4.43
N ASP B 50 -16.42 -5.86 3.14
CA ASP B 50 -17.34 -6.78 2.44
C ASP B 50 -18.74 -6.77 3.06
N ASN B 51 -19.29 -5.59 3.20
CA ASN B 51 -20.69 -5.39 3.61
C ASN B 51 -21.37 -4.58 2.49
N GLU B 52 -22.56 -4.01 2.74
CA GLU B 52 -23.21 -3.23 1.69
C GLU B 52 -23.47 -1.80 2.17
N LEU B 53 -22.52 -1.25 2.94
CA LEU B 53 -22.70 0.09 3.50
C LEU B 53 -22.62 1.14 2.42
N THR B 54 -23.43 2.20 2.55
CA THR B 54 -23.36 3.34 1.63
C THR B 54 -22.77 4.56 2.31
N THR B 55 -22.74 4.55 3.64
CA THR B 55 -22.18 5.64 4.45
C THR B 55 -21.88 5.12 5.84
N LEU B 56 -21.51 6.02 6.73
CA LEU B 56 -21.29 5.71 8.13
C LEU B 56 -22.25 6.55 8.94
N PRO B 57 -22.69 6.07 10.12
CA PRO B 57 -23.59 6.89 10.93
C PRO B 57 -22.85 8.09 11.50
N GLU B 58 -23.60 9.14 11.83
CA GLU B 58 -22.97 10.32 12.43
C GLU B 58 -22.34 9.98 13.77
N GLU B 59 -22.79 8.90 14.41
CA GLU B 59 -22.25 8.40 15.68
C GLU B 59 -20.79 7.96 15.54
N ILE B 60 -20.28 7.78 14.31
CA ILE B 60 -18.88 7.39 14.13
C ILE B 60 -17.91 8.39 14.79
N GLY B 61 -18.31 9.65 14.83
CA GLY B 61 -17.46 10.70 15.38
C GLY B 61 -17.18 10.56 16.88
N ILE B 62 -17.94 9.71 17.59
CA ILE B 62 -17.71 9.49 19.02
C ILE B 62 -16.46 8.63 19.24
N LEU B 63 -16.01 7.91 18.21
CA LEU B 63 -14.88 6.97 18.32
C LEU B 63 -13.55 7.72 18.20
N LYS B 64 -13.33 8.62 19.13
CA LYS B 64 -12.13 9.46 19.07
C LYS B 64 -10.81 8.70 19.27
N ASN B 65 -10.83 7.45 19.75
CA ASN B 65 -9.60 6.69 19.94
C ASN B 65 -9.35 5.76 18.75
N LEU B 66 -10.21 5.81 17.73
CA LEU B 66 -10.05 4.89 16.61
C LEU B 66 -8.73 5.15 15.87
N LYS B 67 -7.94 4.09 15.65
CA LYS B 67 -6.67 4.19 14.93
C LYS B 67 -6.78 3.57 13.55
N TYR B 68 -7.61 2.55 13.41
CA TYR B 68 -7.67 1.83 12.14
C TYR B 68 -9.12 1.65 11.74
N LEU B 69 -9.44 1.92 10.47
CA LEU B 69 -10.82 1.81 9.99
C LEU B 69 -10.74 1.15 8.62
N ASP B 70 -11.34 -0.04 8.51
CA ASP B 70 -11.37 -0.81 7.28
C ASP B 70 -12.80 -0.85 6.79
N ILE B 71 -13.12 -0.08 5.71
N ILE B 71 -13.10 -0.02 5.78
CA ILE B 71 -14.47 -0.10 5.10
CA ILE B 71 -14.40 0.04 5.19
C ILE B 71 -14.36 -0.58 3.66
C ILE B 71 -14.29 -0.38 3.70
N SER B 72 -13.34 -1.34 3.41
CA SER B 72 -13.13 -1.79 2.05
C SER B 72 -14.28 -2.69 1.54
N ARG B 73 -14.47 -2.72 0.23
CA ARG B 73 -15.46 -3.57 -0.43
CA ARG B 73 -15.47 -3.56 -0.45
CA ARG B 73 -15.47 -3.60 -0.40
C ARG B 73 -16.87 -3.35 0.14
N ASN B 74 -17.30 -2.10 0.07
CA ASN B 74 -18.66 -1.70 0.46
C ASN B 74 -19.18 -0.92 -0.76
N GLN B 75 -20.22 -0.10 -0.57
CA GLN B 75 -20.72 0.77 -1.64
C GLN B 75 -20.70 2.20 -1.09
N ILE B 76 -19.64 2.55 -0.35
CA ILE B 76 -19.61 3.87 0.28
C ILE B 76 -19.54 4.97 -0.77
N SER B 77 -20.43 5.96 -0.66
CA SER B 77 -20.41 7.07 -1.60
C SER B 77 -20.28 8.42 -0.88
N ASN B 78 -20.48 8.45 0.43
CA ASN B 78 -20.44 9.70 1.19
C ASN B 78 -20.18 9.43 2.64
N PHE B 79 -19.80 10.48 3.37
CA PHE B 79 -19.51 10.41 4.79
C PHE B 79 -20.23 11.52 5.53
N PRO B 80 -20.52 11.28 6.81
CA PRO B 80 -21.07 12.35 7.64
C PRO B 80 -19.92 13.31 7.97
N LYS B 81 -20.24 14.58 8.26
CA LYS B 81 -19.20 15.52 8.65
C LYS B 81 -18.47 15.09 9.92
N GLU B 82 -19.12 14.27 10.78
CA GLU B 82 -18.53 13.80 12.04
C GLU B 82 -17.25 12.96 11.86
N ILE B 83 -16.97 12.52 10.65
CA ILE B 83 -15.69 11.83 10.44
C ILE B 83 -14.50 12.73 10.82
N GLN B 84 -14.69 14.05 10.79
CA GLN B 84 -13.63 14.97 11.17
C GLN B 84 -13.15 14.80 12.61
N LYS B 85 -13.97 14.16 13.47
CA LYS B 85 -13.58 13.97 14.86
C LYS B 85 -12.63 12.77 15.06
N LEU B 86 -12.32 12.02 13.99
CA LEU B 86 -11.43 10.85 14.09
C LEU B 86 -9.99 11.28 14.03
N LYS B 87 -9.59 12.06 15.05
CA LYS B 87 -8.27 12.69 15.11
C LYS B 87 -7.13 11.77 15.42
N ASN B 88 -7.42 10.52 15.81
CA ASN B 88 -6.37 9.52 16.06
C ASN B 88 -6.28 8.49 14.96
N LEU B 89 -7.11 8.62 13.91
CA LEU B 89 -7.10 7.63 12.85
C LEU B 89 -5.79 7.66 12.10
N GLU B 90 -5.15 6.50 11.92
CA GLU B 90 -3.84 6.38 11.27
C GLU B 90 -3.95 5.66 9.95
N VAL B 91 -4.85 4.70 9.83
CA VAL B 91 -4.96 3.90 8.59
C VAL B 91 -6.42 3.86 8.20
N LEU B 92 -6.71 4.15 6.91
CA LEU B 92 -8.08 4.13 6.44
C LEU B 92 -8.10 3.35 5.13
N PHE B 93 -8.80 2.21 5.12
CA PHE B 93 -8.98 1.41 3.91
C PHE B 93 -10.36 1.71 3.32
N LEU B 94 -10.37 2.35 2.15
CA LEU B 94 -11.59 2.69 1.47
C LEU B 94 -11.60 2.06 0.10
N ASN B 95 -10.72 1.08 -0.13
CA ASN B 95 -10.60 0.35 -1.41
CA ASN B 95 -10.68 0.52 -1.47
C ASN B 95 -11.92 -0.28 -1.80
N GLY B 96 -12.31 -0.25 -3.08
CA GLY B 96 -13.49 -1.01 -3.49
C GLY B 96 -14.78 -0.41 -2.97
N ASN B 97 -15.03 0.83 -3.29
CA ASN B 97 -16.26 1.49 -2.87
C ASN B 97 -16.87 2.30 -4.03
N SER B 98 -17.83 3.17 -3.74
CA SER B 98 -18.54 3.93 -4.76
C SER B 98 -18.25 5.42 -4.61
N LEU B 99 -17.00 5.79 -4.30
CA LEU B 99 -16.68 7.20 -4.14
C LEU B 99 -16.41 7.89 -5.44
N SER B 100 -17.16 8.95 -5.75
CA SER B 100 -16.85 9.76 -6.93
C SER B 100 -16.23 11.08 -6.48
N ASN B 101 -16.40 11.44 -5.19
CA ASN B 101 -15.81 12.63 -4.60
C ASN B 101 -15.43 12.36 -3.14
N LEU B 102 -14.40 13.06 -2.64
CA LEU B 102 -14.05 12.96 -1.21
C LEU B 102 -14.49 14.27 -0.58
N PRO B 103 -15.09 14.24 0.63
CA PRO B 103 -15.51 15.51 1.25
C PRO B 103 -14.32 16.28 1.83
N GLU B 104 -14.49 17.60 2.05
CA GLU B 104 -13.45 18.43 2.63
C GLU B 104 -12.98 17.90 3.99
N GLU B 105 -13.87 17.19 4.74
CA GLU B 105 -13.57 16.64 6.07
C GLU B 105 -12.50 15.57 6.05
N ILE B 106 -12.21 15.01 4.88
CA ILE B 106 -11.12 14.04 4.80
C ILE B 106 -9.82 14.69 5.26
N GLY B 107 -9.67 15.97 4.96
CA GLY B 107 -8.48 16.71 5.33
C GLY B 107 -8.34 16.99 6.82
N GLU B 108 -9.37 16.63 7.65
CA GLU B 108 -9.32 16.88 9.08
C GLU B 108 -8.80 15.66 9.85
N LEU B 109 -8.42 14.61 9.14
CA LEU B 109 -7.92 13.37 9.78
C LEU B 109 -6.46 13.62 10.12
N GLU B 110 -6.28 14.35 11.18
CA GLU B 110 -5.01 14.83 11.68
C GLU B 110 -3.86 13.84 11.62
N LYS B 111 -4.08 12.63 12.14
CA LYS B 111 -3.00 11.65 12.27
C LYS B 111 -2.98 10.64 11.13
N LEU B 112 -3.76 10.87 10.07
CA LEU B 112 -3.81 9.85 9.00
C LEU B 112 -2.48 9.67 8.30
N GLY B 113 -2.03 8.41 8.26
CA GLY B 113 -0.74 8.12 7.65
C GLY B 113 -0.88 7.32 6.38
N ILE B 114 -1.89 6.43 6.31
CA ILE B 114 -2.02 5.56 5.14
C ILE B 114 -3.45 5.60 4.67
N LEU B 115 -3.70 5.97 3.40
CA LEU B 115 -5.04 6.11 2.86
C LEU B 115 -5.13 5.31 1.57
N TYR B 116 -5.99 4.30 1.57
CA TYR B 116 -6.17 3.46 0.37
C TYR B 116 -7.49 3.79 -0.25
N LEU B 117 -7.48 4.28 -1.48
CA LEU B 117 -8.67 4.67 -2.20
C LEU B 117 -8.75 3.92 -3.50
N ASN B 118 -8.01 2.82 -3.64
CA ASN B 118 -8.01 2.05 -4.90
CA ASN B 118 -8.01 2.01 -4.87
C ASN B 118 -9.42 1.63 -5.28
N ASN B 119 -9.67 1.49 -6.59
CA ASN B 119 -10.97 0.96 -7.04
C ASN B 119 -12.17 1.71 -6.51
N ASN B 120 -12.18 3.00 -6.81
CA ASN B 120 -13.29 3.91 -6.57
C ASN B 120 -13.52 4.64 -7.91
N GLN B 121 -14.35 5.68 -7.93
CA GLN B 121 -14.58 6.37 -9.21
C GLN B 121 -14.22 7.86 -9.06
N LEU B 122 -13.14 8.15 -8.29
CA LEU B 122 -12.78 9.54 -8.04
C LEU B 122 -12.33 10.24 -9.29
N THR B 123 -12.76 11.50 -9.47
CA THR B 123 -12.33 12.28 -10.63
C THR B 123 -11.26 13.28 -10.24
N THR B 124 -11.19 13.61 -8.96
CA THR B 124 -10.15 14.48 -8.39
C THR B 124 -10.11 14.32 -6.89
N LEU B 125 -9.25 15.12 -6.25
CA LEU B 125 -9.16 15.15 -4.80
C LEU B 125 -9.49 16.57 -4.39
N PRO B 126 -10.12 16.76 -3.22
CA PRO B 126 -10.42 18.13 -2.77
C PRO B 126 -9.13 18.83 -2.39
N LYS B 127 -9.11 20.16 -2.44
CA LYS B 127 -7.91 20.92 -2.06
C LYS B 127 -7.49 20.64 -0.62
N GLU B 128 -8.47 20.28 0.25
CA GLU B 128 -8.24 19.98 1.66
C GLU B 128 -7.39 18.74 1.87
N ILE B 129 -7.15 17.94 0.82
CA ILE B 129 -6.27 16.77 0.92
C ILE B 129 -4.86 17.19 1.40
N GLY B 130 -4.45 18.41 1.03
CA GLY B 130 -3.15 18.95 1.40
C GLY B 130 -2.99 19.23 2.88
N GLN B 131 -4.09 19.10 3.66
CA GLN B 131 -4.04 19.30 5.10
C GLN B 131 -3.57 18.05 5.85
N LEU B 132 -3.41 16.91 5.17
CA LEU B 132 -3.03 15.64 5.81
C LEU B 132 -1.52 15.59 6.03
N GLU B 133 -1.08 16.35 7.03
CA GLU B 133 0.34 16.53 7.31
C GLU B 133 1.12 15.25 7.60
N ASN B 134 0.46 14.22 8.13
CA ASN B 134 1.14 12.99 8.51
C ASN B 134 1.01 11.90 7.43
N LEU B 135 0.41 12.23 6.30
CA LEU B 135 0.19 11.20 5.27
C LEU B 135 1.49 10.74 4.65
N VAL B 136 1.73 9.41 4.67
CA VAL B 136 2.95 8.83 4.10
CA VAL B 136 2.96 8.86 4.08
C VAL B 136 2.64 8.03 2.84
N SER B 137 1.42 7.49 2.74
CA SER B 137 1.12 6.68 1.55
C SER B 137 -0.30 6.99 1.09
N LEU B 138 -0.47 7.27 -0.20
CA LEU B 138 -1.76 7.63 -0.77
C LEU B 138 -1.93 6.77 -2.03
N SER B 139 -2.90 5.87 -2.01
CA SER B 139 -3.08 4.96 -3.14
CA SER B 139 -3.11 4.92 -3.11
C SER B 139 -4.40 5.27 -3.81
N LEU B 140 -4.33 5.63 -5.10
CA LEU B 140 -5.48 6.04 -5.89
C LEU B 140 -5.56 5.20 -7.15
N SER B 141 -5.02 3.98 -7.12
CA SER B 141 -5.05 3.21 -8.34
C SER B 141 -6.46 2.85 -8.76
N SER B 142 -6.68 2.70 -10.08
CA SER B 142 -8.00 2.32 -10.59
C SER B 142 -9.12 3.24 -10.13
N ASN B 143 -8.98 4.52 -10.45
CA ASN B 143 -10.02 5.53 -10.22
C ASN B 143 -10.35 6.16 -11.56
N LYS B 144 -10.97 7.34 -11.58
CA LYS B 144 -11.33 7.98 -12.85
C LYS B 144 -10.74 9.39 -12.86
N LEU B 145 -9.52 9.52 -12.30
CA LEU B 145 -8.91 10.82 -12.10
C LEU B 145 -8.71 11.60 -13.36
N THR B 146 -9.06 12.88 -13.32
CA THR B 146 -8.84 13.79 -14.45
C THR B 146 -7.89 14.91 -14.06
N SER B 147 -7.75 15.15 -12.76
CA SER B 147 -6.84 16.18 -12.26
C SER B 147 -6.41 15.82 -10.85
N ILE B 148 -5.24 16.33 -10.49
CA ILE B 148 -4.53 16.20 -9.22
CA ILE B 148 -4.67 16.21 -9.17
C ILE B 148 -4.42 17.65 -8.69
N PRO B 149 -4.90 18.02 -7.48
CA PRO B 149 -4.74 19.43 -7.06
C PRO B 149 -3.28 19.75 -6.69
N ASP B 150 -2.84 21.00 -6.93
CA ASP B 150 -1.50 21.44 -6.54
C ASP B 150 -1.27 21.30 -5.04
N GLU B 151 -2.35 21.36 -4.22
CA GLU B 151 -2.27 21.23 -2.77
C GLU B 151 -1.71 19.86 -2.35
N LEU B 152 -1.69 18.87 -3.26
CA LEU B 152 -1.09 17.58 -2.91
C LEU B 152 0.41 17.77 -2.60
N GLY B 153 1.03 18.80 -3.19
CA GLY B 153 2.43 19.13 -2.93
C GLY B 153 2.70 19.61 -1.52
N GLN B 154 1.63 19.88 -0.75
CA GLN B 154 1.77 20.26 0.66
C GLN B 154 2.05 19.07 1.56
N LEU B 155 1.87 17.82 1.04
CA LEU B 155 2.03 16.61 1.83
C LEU B 155 3.51 16.24 1.90
N LYS B 156 4.22 16.91 2.82
CA LYS B 156 5.69 16.78 2.91
C LYS B 156 6.18 15.45 3.42
N LYS B 157 5.33 14.65 4.08
CA LYS B 157 5.75 13.34 4.56
C LYS B 157 5.35 12.24 3.57
N LEU B 158 4.70 12.62 2.45
CA LEU B 158 4.25 11.62 1.48
C LEU B 158 5.46 10.91 0.84
N ARG B 159 5.48 9.57 0.93
CA ARG B 159 6.60 8.80 0.36
CA ARG B 159 6.55 8.73 0.41
CA ARG B 159 6.55 8.70 0.44
C ARG B 159 6.14 7.92 -0.80
N ILE B 160 4.84 7.62 -0.91
CA ILE B 160 4.32 6.84 -2.03
C ILE B 160 3.05 7.48 -2.52
N LEU B 161 2.99 7.77 -3.84
CA LEU B 161 1.76 8.28 -4.46
C LEU B 161 1.44 7.28 -5.59
N ASN B 162 0.37 6.51 -5.47
CA ASN B 162 0.09 5.48 -6.48
C ASN B 162 -1.12 5.91 -7.31
N LEU B 163 -0.87 6.17 -8.59
CA LEU B 163 -1.87 6.63 -9.55
C LEU B 163 -2.06 5.62 -10.67
N TRP B 164 -1.65 4.35 -10.47
CA TRP B 164 -1.80 3.37 -11.55
C TRP B 164 -3.24 3.25 -12.03
N ASP B 165 -3.40 2.90 -13.32
CA ASP B 165 -4.72 2.65 -13.90
CA ASP B 165 -4.68 2.66 -13.96
C ASP B 165 -5.68 3.84 -13.76
N ASN B 166 -5.21 5.02 -14.13
CA ASN B 166 -6.05 6.24 -14.23
C ASN B 166 -5.79 6.77 -15.65
N PRO B 167 -6.24 6.02 -16.70
CA PRO B 167 -5.95 6.47 -18.09
C PRO B 167 -6.63 7.79 -18.49
N THR B 168 -7.57 8.25 -17.67
CA THR B 168 -8.33 9.50 -17.82
C THR B 168 -7.48 10.70 -17.39
N LEU B 169 -6.35 10.47 -16.67
CA LEU B 169 -5.51 11.54 -16.16
C LEU B 169 -4.62 12.06 -17.28
N THR B 170 -4.90 13.28 -17.76
CA THR B 170 -4.14 13.91 -18.83
C THR B 170 -3.02 14.82 -18.30
N THR B 171 -3.02 15.08 -16.97
CA THR B 171 -2.00 15.90 -16.30
C THR B 171 -0.61 15.30 -16.57
N PRO B 172 0.32 16.07 -17.19
CA PRO B 172 1.65 15.52 -17.48
C PRO B 172 2.36 15.03 -16.23
N GLU B 173 3.07 13.89 -16.36
CA GLU B 173 3.83 13.30 -15.28
C GLU B 173 4.85 14.28 -14.67
N ARG B 174 5.53 15.07 -15.53
CA ARG B 174 6.50 16.05 -15.04
C ARG B 174 5.87 17.07 -14.08
N ASN B 175 4.60 17.44 -14.31
CA ASN B 175 3.92 18.41 -13.45
CA ASN B 175 3.94 18.41 -13.45
C ASN B 175 3.69 17.82 -12.07
N ILE B 176 3.35 16.52 -12.01
CA ILE B 176 3.12 15.86 -10.73
C ILE B 176 4.44 15.74 -9.99
N ARG B 177 5.51 15.32 -10.70
CA ARG B 177 6.81 15.18 -10.06
C ARG B 177 7.33 16.53 -9.57
N LYS B 178 7.02 17.62 -10.31
CA LYS B 178 7.43 18.96 -9.90
C LYS B 178 6.79 19.38 -8.55
N LEU B 179 5.59 18.85 -8.21
CA LEU B 179 4.94 19.19 -6.94
C LEU B 179 5.74 18.74 -5.74
N PHE B 180 6.57 17.67 -5.90
CA PHE B 180 7.31 17.06 -4.80
C PHE B 180 8.83 17.07 -5.02
N ARG B 181 9.37 18.06 -5.72
CA ARG B 181 10.81 18.02 -6.01
C ARG B 181 11.74 18.18 -4.80
N ASN B 182 11.23 18.61 -3.62
CA ASN B 182 12.08 18.79 -2.45
C ASN B 182 11.84 17.72 -1.36
N GLN B 183 11.41 16.52 -1.77
CA GLN B 183 11.22 15.43 -0.82
C GLN B 183 11.46 14.07 -1.45
N GLU B 184 11.69 13.07 -0.59
CA GLU B 184 11.80 11.67 -0.97
C GLU B 184 10.41 11.16 -1.26
N ILE B 185 10.16 10.65 -2.48
CA ILE B 185 8.86 10.09 -2.84
C ILE B 185 9.04 9.21 -4.08
N THR B 186 8.23 8.15 -4.16
CA THR B 186 8.14 7.40 -5.40
C THR B 186 6.71 7.60 -5.92
N ILE B 187 6.60 7.90 -7.22
CA ILE B 187 5.33 8.20 -7.85
C ILE B 187 5.09 7.13 -8.89
N GLU B 188 3.92 6.47 -8.78
CA GLU B 188 3.55 5.41 -9.70
C GLU B 188 2.47 5.92 -10.63
N ILE B 189 2.80 6.05 -11.89
CA ILE B 189 1.84 6.50 -12.87
CA ILE B 189 1.87 6.54 -12.93
C ILE B 189 1.98 5.58 -14.08
N SER B 190 0.85 5.03 -14.56
CA SER B 190 0.92 4.14 -15.72
CA SER B 190 0.89 4.13 -15.73
C SER B 190 1.36 4.95 -16.94
ZN ZN C . 6.34 2.04 -11.58
ZN ZN D . 19.00 12.47 -19.68
ZN ZN E . 15.38 7.45 2.04
ZN ZN F . 24.69 -14.26 -8.98
ZN ZN G . 0.13 5.39 16.52
CL CL H . 5.66 2.26 -13.61
C ACT I . 20.64 -3.86 12.87
O ACT I . 20.01 -4.19 13.90
OXT ACT I . 20.52 -2.77 12.26
CH3 ACT I . 21.67 -4.87 12.31
C ACT J . 16.45 13.00 -21.05
O ACT J . 15.61 12.81 -21.97
OXT ACT J . 17.68 12.81 -21.16
CH3 ACT J . 15.92 13.50 -19.68
ZN ZN K . -10.27 -5.49 7.91
CL CL L . 9.67 7.29 -8.85
ZN ZN M . -16.82 -9.47 25.00
CL CL N . -6.72 -4.43 13.42
CL CL O . -11.53 -7.27 7.60
C ACT P . -18.23 18.98 1.60
O ACT P . -18.42 19.83 2.50
OXT ACT P . -17.11 18.62 1.16
CH3 ACT P . -19.47 18.31 0.97
ZN ZN Q . -7.71 20.29 11.68
CL CL R . -9.01 22.66 11.43
CL CL S . -7.05 20.74 9.28
C ACT T . 1.05 5.84 10.32
O ACT T . 0.88 6.26 11.50
OXT ACT T . 1.97 6.20 9.53
CH3 ACT T . 0.05 4.80 9.79
#